data_7WP5
#
_entry.id   7WP5
#
_cell.length_a   1.00
_cell.length_b   1.00
_cell.length_c   1.00
_cell.angle_alpha   90.00
_cell.angle_beta   90.00
_cell.angle_gamma   90.00
#
_symmetry.space_group_name_H-M   'P 1'
#
loop_
_entity.id
_entity.type
_entity.pdbx_description
1 polymer 'VacW-209 light chain'
2 polymer 'VacW-209 heavy chain'
3 polymer 'Spikeprotein S1'
4 branched 2-acetamido-2-deoxy-beta-D-glucopyranose-(1-4)-2-acetamido-2-deoxy-beta-D-glucopyranose
#
loop_
_entity_poly.entity_id
_entity_poly.type
_entity_poly.pdbx_seq_one_letter_code
_entity_poly.pdbx_strand_id
1 'polypeptide(L)'
;QSVLTQPPSVSGAPGQRVTISCTGSSSNIGAGYDVHWYQQLPGTAPKLLIYGNSNRPSGVPDRFSGSKSGTSASLAITGL
QAEDEADYYCQSYDSSLSGWVFGGGTKLTVL
;
L
2 'polypeptide(L)'
;QVQLVESGGGVVQPGRSLRLSCAASGFTFSSIAMHWVRQAPGKGLEWVAVMSFDGSIKYYGDSVKGRFTISRDNSKSTLY
LQMNSLRAEDTAVYYCARGVQGYYDRSGYYNLDYNYGMDVWGQGTTVTVSS
;
H
3 'polypeptide(L)'
;TNLCPFDEVFNATRFASVYAWNRKRISNCVADYSVLYNLAPFFTFKCYGVSPTKLNDLCFTNVYADSFVIRGDEVRQIAP
GQTGNIADYNYKLPDDFTGCVIAWNSNKLDSKVSGNYNYLYRLFRKSNLKPFERDISTEIYQAGNKPCNGVAGFNCYFPL
RSYSFRPTYGVGHQPYRVVVLSFELLHAP
;
F
#
loop_
_chem_comp.id
_chem_comp.type
_chem_comp.name
_chem_comp.formula
NAG D-saccharide, beta linking 2-acetamido-2-deoxy-beta-D-glucopyranose 'C8 H15 N O6'
#
# COMPACT_ATOMS: atom_id res chain seq x y z
N GLN A 1 -7.44 -20.34 -15.28
CA GLN A 1 -6.42 -19.60 -16.02
C GLN A 1 -5.85 -18.46 -15.19
N SER A 2 -5.36 -17.43 -15.89
CA SER A 2 -4.86 -16.22 -15.25
C SER A 2 -5.42 -15.02 -15.99
N VAL A 3 -5.79 -13.98 -15.23
CA VAL A 3 -6.41 -12.82 -15.83
C VAL A 3 -5.36 -11.91 -16.48
N LEU A 4 -4.32 -11.56 -15.74
CA LEU A 4 -3.33 -10.60 -16.21
C LEU A 4 -2.17 -11.33 -16.88
N THR A 5 -1.83 -10.94 -18.10
CA THR A 5 -0.81 -11.64 -18.86
C THR A 5 0.56 -11.05 -18.57
N GLN A 6 1.48 -11.90 -18.17
CA GLN A 6 2.90 -11.58 -18.09
C GLN A 6 3.66 -12.78 -18.63
N PRO A 7 4.88 -12.57 -19.18
CA PRO A 7 5.60 -13.70 -19.77
C PRO A 7 5.99 -14.72 -18.73
N PRO A 8 6.03 -16.00 -19.09
CA PRO A 8 6.21 -17.05 -18.06
C PRO A 8 7.63 -17.15 -17.52
N SER A 9 8.64 -16.85 -18.32
CA SER A 9 10.01 -16.95 -17.87
C SER A 9 10.86 -15.94 -18.64
N VAL A 10 11.56 -15.08 -17.92
CA VAL A 10 12.45 -14.09 -18.52
C VAL A 10 13.85 -14.31 -17.96
N SER A 11 14.82 -14.44 -18.84
CA SER A 11 16.20 -14.71 -18.46
C SER A 11 16.90 -13.43 -18.02
N GLY A 12 18.12 -13.58 -17.53
CA GLY A 12 18.90 -12.44 -17.10
C GLY A 12 20.36 -12.74 -16.81
N ALA A 13 21.25 -11.90 -17.39
CA ALA A 13 22.69 -11.76 -17.23
C ALA A 13 23.00 -10.72 -16.16
N PRO A 14 23.96 -11.01 -15.27
CA PRO A 14 24.22 -10.10 -14.14
C PRO A 14 24.77 -8.76 -14.59
N GLY A 15 24.23 -7.70 -13.99
CA GLY A 15 24.61 -6.34 -14.32
C GLY A 15 23.72 -5.65 -15.33
N GLN A 16 22.73 -6.35 -15.87
CA GLN A 16 21.87 -5.81 -16.91
C GLN A 16 20.62 -5.20 -16.30
N ARG A 17 19.69 -4.79 -17.17
CA ARG A 17 18.38 -4.28 -16.77
C ARG A 17 17.33 -5.19 -17.38
N VAL A 18 16.50 -5.80 -16.53
CA VAL A 18 15.52 -6.79 -16.96
C VAL A 18 14.13 -6.24 -16.71
N THR A 19 13.29 -6.24 -17.73
CA THR A 19 11.91 -5.80 -17.62
C THR A 19 10.99 -6.99 -17.42
N ILE A 20 9.88 -6.76 -16.72
CA ILE A 20 8.81 -7.73 -16.53
C ILE A 20 7.52 -6.97 -16.77
N SER A 21 6.90 -7.19 -17.93
CA SER A 21 5.71 -6.44 -18.29
C SER A 21 4.46 -7.20 -17.92
N CYS A 22 3.46 -6.46 -17.42
CA CYS A 22 2.18 -7.05 -17.00
C CYS A 22 1.07 -6.27 -17.70
N THR A 23 0.48 -6.88 -18.71
CA THR A 23 -0.64 -6.26 -19.43
C THR A 23 -1.97 -6.74 -18.87
N GLY A 24 -2.83 -5.78 -18.52
CA GLY A 24 -4.16 -6.09 -18.10
C GLY A 24 -5.15 -5.33 -18.97
N SER A 25 -6.38 -5.83 -18.98
CA SER A 25 -7.39 -5.29 -19.88
C SER A 25 -7.88 -3.93 -19.37
N SER A 26 -8.88 -3.37 -20.03
CA SER A 26 -9.34 -2.02 -19.74
C SER A 26 -10.30 -1.95 -18.57
N SER A 27 -10.33 -2.96 -17.70
CA SER A 27 -11.22 -2.95 -16.54
C SER A 27 -10.50 -3.01 -15.21
N ASN A 28 -9.19 -3.27 -15.18
CA ASN A 28 -8.45 -3.26 -13.92
C ASN A 28 -7.47 -2.08 -13.88
N ILE A 29 -6.74 -1.80 -14.96
CA ILE A 29 -5.92 -0.62 -14.98
C ILE A 29 -6.64 0.54 -15.67
N GLY A 30 -7.61 0.23 -16.54
CA GLY A 30 -8.36 1.26 -17.22
C GLY A 30 -9.29 2.07 -16.33
N ALA A 31 -9.63 1.52 -15.15
CA ALA A 31 -10.41 2.27 -14.17
C ALA A 31 -9.55 3.10 -13.25
N GLY A 32 -8.23 3.07 -13.41
CA GLY A 32 -7.31 3.86 -12.61
C GLY A 32 -6.74 3.13 -11.42
N TYR A 33 -7.15 1.89 -11.17
CA TYR A 33 -6.69 1.15 -10.01
C TYR A 33 -5.26 0.66 -10.20
N ASP A 34 -4.55 0.49 -9.09
CA ASP A 34 -3.11 0.39 -9.14
C ASP A 34 -2.64 -1.05 -9.34
N VAL A 35 -1.35 -1.18 -9.64
CA VAL A 35 -0.71 -2.45 -9.96
C VAL A 35 0.45 -2.66 -9.00
N HIS A 36 0.47 -3.80 -8.33
CA HIS A 36 1.48 -4.09 -7.32
C HIS A 36 2.39 -5.21 -7.78
N TRP A 37 3.37 -5.55 -6.95
CA TRP A 37 4.37 -6.55 -7.29
C TRP A 37 4.74 -7.33 -6.04
N TYR A 38 4.90 -8.64 -6.21
CA TYR A 38 5.22 -9.53 -5.09
C TYR A 38 6.48 -10.33 -5.43
N GLN A 39 6.99 -11.03 -4.44
CA GLN A 39 8.28 -11.70 -4.55
C GLN A 39 8.22 -13.03 -3.81
N GLN A 40 8.16 -14.13 -4.54
CA GLN A 40 7.86 -15.43 -3.94
C GLN A 40 8.97 -16.43 -4.24
N LEU A 41 9.76 -16.75 -3.23
CA LEU A 41 10.70 -17.86 -3.30
C LEU A 41 9.96 -19.19 -3.15
N PRO A 42 10.47 -20.27 -3.72
CA PRO A 42 9.81 -21.57 -3.52
C PRO A 42 10.03 -22.10 -2.12
N GLY A 43 9.01 -22.78 -1.61
CA GLY A 43 9.05 -23.31 -0.27
C GLY A 43 8.64 -22.33 0.83
N THR A 44 8.17 -21.14 0.47
CA THR A 44 7.82 -20.13 1.46
C THR A 44 6.67 -19.29 0.90
N ALA A 45 6.29 -18.25 1.66
CA ALA A 45 5.25 -17.26 1.38
C ALA A 45 5.85 -16.02 0.74
N PRO A 46 5.12 -15.37 -0.17
CA PRO A 46 5.65 -14.17 -0.82
C PRO A 46 5.78 -13.00 0.13
N LYS A 47 6.56 -12.01 -0.29
CA LYS A 47 6.71 -10.75 0.42
C LYS A 47 6.36 -9.60 -0.52
N LEU A 48 5.95 -8.49 0.07
CA LEU A 48 5.52 -7.34 -0.72
C LEU A 48 6.73 -6.62 -1.29
N LEU A 49 6.71 -6.39 -2.61
CA LEU A 49 7.84 -5.76 -3.29
C LEU A 49 7.58 -4.31 -3.68
N ILE A 50 6.48 -4.05 -4.38
CA ILE A 50 6.14 -2.69 -4.83
C ILE A 50 4.63 -2.54 -4.69
N TYR A 51 4.18 -1.48 -4.03
CA TYR A 51 2.77 -1.15 -3.95
C TYR A 51 2.55 0.30 -4.34
N GLY A 52 1.44 0.56 -5.03
CA GLY A 52 1.18 1.90 -5.52
C GLY A 52 1.97 2.27 -6.74
N ASN A 53 2.44 1.26 -7.51
CA ASN A 53 3.11 1.30 -8.80
C ASN A 53 4.54 1.80 -8.79
N SER A 54 5.02 2.41 -7.71
CA SER A 54 6.38 2.91 -7.73
C SER A 54 7.04 2.94 -6.35
N ASN A 55 6.32 2.54 -5.32
CA ASN A 55 6.86 2.68 -3.98
C ASN A 55 7.55 1.38 -3.63
N ARG A 56 8.11 1.34 -2.42
CA ARG A 56 8.86 0.19 -1.94
C ARG A 56 8.81 0.19 -0.43
N PRO A 57 8.60 -0.95 0.22
CA PRO A 57 8.60 -0.97 1.69
C PRO A 57 10.01 -0.94 2.24
N SER A 58 10.13 -0.93 3.56
CA SER A 58 11.44 -0.98 4.20
C SER A 58 11.97 -2.41 4.14
N GLY A 59 13.13 -2.58 3.54
CA GLY A 59 13.73 -3.90 3.43
C GLY A 59 14.28 -4.21 2.06
N VAL A 60 13.70 -3.63 1.03
CA VAL A 60 14.15 -3.89 -0.34
C VAL A 60 15.14 -2.80 -0.75
N PRO A 61 16.11 -3.10 -1.61
CA PRO A 61 17.08 -2.07 -2.01
C PRO A 61 16.51 -1.07 -2.99
N ASP A 62 17.36 -0.18 -3.49
CA ASP A 62 16.93 0.87 -4.40
C ASP A 62 16.76 0.40 -5.83
N ARG A 63 17.09 -0.86 -6.13
CA ARG A 63 17.11 -1.33 -7.51
C ARG A 63 15.75 -1.78 -8.02
N PHE A 64 14.74 -1.84 -7.16
CA PHE A 64 13.42 -2.36 -7.55
C PHE A 64 12.51 -1.19 -7.88
N SER A 65 12.35 -0.91 -9.17
CA SER A 65 11.52 0.18 -9.64
C SER A 65 10.36 -0.34 -10.46
N GLY A 66 9.35 0.51 -10.63
CA GLY A 66 8.18 0.17 -11.41
C GLY A 66 7.49 1.43 -11.87
N SER A 67 6.47 1.25 -12.71
CA SER A 67 5.69 2.36 -13.23
C SER A 67 4.33 1.85 -13.65
N LYS A 68 3.51 2.75 -14.19
CA LYS A 68 2.20 2.40 -14.75
C LYS A 68 1.94 3.32 -15.93
N SER A 69 1.80 2.76 -17.12
CA SER A 69 1.61 3.53 -18.34
C SER A 69 0.34 3.03 -19.04
N GLY A 70 -0.77 3.71 -18.80
CA GLY A 70 -2.00 3.44 -19.52
C GLY A 70 -2.72 2.20 -19.06
N THR A 71 -2.67 1.15 -19.86
CA THR A 71 -3.29 -0.13 -19.55
C THR A 71 -2.26 -1.22 -19.25
N SER A 72 -0.99 -0.86 -19.08
CA SER A 72 0.06 -1.84 -18.85
C SER A 72 1.11 -1.25 -17.92
N ALA A 73 1.68 -2.09 -17.07
CA ALA A 73 2.71 -1.72 -16.11
C ALA A 73 3.92 -2.61 -16.28
N SER A 74 5.04 -2.18 -15.71
CA SER A 74 6.29 -2.90 -15.86
C SER A 74 7.14 -2.73 -14.62
N LEU A 75 7.99 -3.72 -14.35
CA LEU A 75 8.98 -3.68 -13.29
C LEU A 75 10.36 -3.82 -13.91
N ALA A 76 11.36 -3.23 -13.27
CA ALA A 76 12.73 -3.29 -13.76
C ALA A 76 13.69 -3.40 -12.60
N ILE A 77 14.67 -4.30 -12.73
CA ILE A 77 15.74 -4.45 -11.76
C ILE A 77 17.05 -4.16 -12.46
N THR A 78 17.91 -3.36 -11.84
CA THR A 78 19.21 -3.02 -12.37
C THR A 78 20.28 -3.47 -11.39
N GLY A 79 21.33 -4.10 -11.91
CA GLY A 79 22.41 -4.59 -11.07
C GLY A 79 22.01 -5.77 -10.22
N LEU A 80 21.42 -6.77 -10.87
CA LEU A 80 20.90 -7.93 -10.15
C LEU A 80 22.03 -8.82 -9.65
N GLN A 81 21.86 -9.35 -8.46
CA GLN A 81 22.79 -10.33 -7.92
C GLN A 81 22.15 -11.71 -8.04
N ALA A 82 22.82 -12.71 -7.50
CA ALA A 82 22.32 -14.08 -7.53
C ALA A 82 21.31 -14.37 -6.44
N GLU A 83 20.95 -13.36 -5.63
CA GLU A 83 20.04 -13.59 -4.52
C GLU A 83 18.59 -13.72 -4.98
N ASP A 84 18.23 -13.02 -6.06
CA ASP A 84 16.82 -12.89 -6.46
C ASP A 84 16.60 -13.66 -7.76
N GLU A 85 16.31 -14.94 -7.64
CA GLU A 85 15.90 -15.79 -8.75
C GLU A 85 14.54 -16.41 -8.49
N ALA A 86 13.61 -15.60 -8.00
CA ALA A 86 12.29 -16.09 -7.60
C ALA A 86 11.23 -15.46 -8.48
N ASP A 87 9.97 -15.83 -8.24
CA ASP A 87 8.88 -15.43 -9.10
C ASP A 87 8.27 -14.11 -8.65
N TYR A 88 7.68 -13.39 -9.61
CA TYR A 88 7.05 -12.10 -9.37
C TYR A 88 5.66 -12.07 -9.97
N TYR A 89 4.72 -11.45 -9.25
CA TYR A 89 3.32 -11.43 -9.64
C TYR A 89 2.81 -10.00 -9.61
N CYS A 90 1.96 -9.66 -10.58
CA CYS A 90 1.29 -8.37 -10.60
C CYS A 90 -0.14 -8.51 -10.12
N GLN A 91 -0.55 -7.61 -9.23
CA GLN A 91 -1.89 -7.65 -8.64
C GLN A 91 -2.59 -6.33 -8.86
N SER A 92 -3.85 -6.39 -9.28
CA SER A 92 -4.67 -5.21 -9.48
C SER A 92 -6.09 -5.51 -9.00
N TYR A 93 -6.94 -4.49 -9.03
CA TYR A 93 -8.34 -4.60 -8.67
C TYR A 93 -9.19 -4.14 -9.84
N ASP A 94 -10.20 -4.92 -10.20
CA ASP A 94 -11.02 -4.62 -11.36
C ASP A 94 -12.45 -4.35 -10.94
N SER A 95 -13.27 -4.05 -11.95
CA SER A 95 -14.72 -3.98 -11.78
C SER A 95 -15.45 -4.88 -12.76
N SER A 96 -14.74 -5.76 -13.47
CA SER A 96 -15.40 -6.78 -14.26
C SER A 96 -15.86 -7.94 -13.38
N LEU A 97 -15.02 -8.33 -12.43
CA LEU A 97 -15.40 -9.35 -11.45
C LEU A 97 -15.38 -8.81 -10.03
N SER A 98 -14.93 -7.56 -9.84
CA SER A 98 -14.71 -6.92 -8.53
C SER A 98 -13.81 -7.74 -7.61
N GLY A 99 -12.83 -8.45 -8.17
CA GLY A 99 -11.91 -9.26 -7.42
C GLY A 99 -10.49 -8.75 -7.58
N TRP A 100 -9.61 -9.17 -6.67
CA TRP A 100 -8.23 -8.69 -6.62
C TRP A 100 -7.38 -9.66 -7.42
N VAL A 101 -7.50 -9.60 -8.74
CA VAL A 101 -6.93 -10.64 -9.60
C VAL A 101 -5.43 -10.46 -9.73
N PHE A 102 -4.74 -11.58 -9.97
CA PHE A 102 -3.28 -11.63 -10.09
C PHE A 102 -2.86 -11.80 -11.54
N GLY A 103 -1.54 -11.96 -11.69
CA GLY A 103 -0.94 -12.27 -12.97
C GLY A 103 -0.53 -13.74 -13.07
N GLY A 104 0.03 -14.08 -14.22
CA GLY A 104 0.37 -15.48 -14.48
C GLY A 104 1.57 -15.96 -13.72
N GLY A 105 2.51 -15.07 -13.42
CA GLY A 105 3.68 -15.45 -12.66
C GLY A 105 4.90 -15.71 -13.52
N THR A 106 5.85 -14.79 -13.52
CA THR A 106 7.05 -14.91 -14.33
C THR A 106 8.06 -15.83 -13.63
N LYS A 107 9.27 -15.87 -14.17
CA LYS A 107 10.35 -16.67 -13.60
C LYS A 107 11.67 -16.02 -14.02
N LEU A 108 12.52 -15.72 -13.04
CA LEU A 108 13.79 -15.06 -13.30
C LEU A 108 14.93 -16.03 -13.03
N THR A 109 16.03 -15.86 -13.75
CA THR A 109 17.19 -16.72 -13.66
C THR A 109 18.45 -15.88 -13.53
N VAL A 110 19.51 -16.52 -13.04
CA VAL A 110 20.82 -15.89 -12.94
C VAL A 110 21.85 -16.78 -13.60
N LEU A 111 22.62 -16.21 -14.52
CA LEU A 111 23.50 -17.00 -15.37
C LEU A 111 24.96 -16.72 -15.08
N GLN B 1 6.49 -9.95 17.96
CA GLN B 1 6.50 -9.21 16.70
C GLN B 1 5.33 -9.64 15.83
N VAL B 2 5.28 -9.20 14.58
CA VAL B 2 4.13 -9.39 13.72
C VAL B 2 4.33 -10.61 12.84
N GLN B 3 3.48 -11.61 13.02
CA GLN B 3 3.44 -12.80 12.17
C GLN B 3 2.07 -13.42 12.26
N LEU B 4 1.77 -14.31 11.32
CA LEU B 4 0.49 -14.99 11.26
C LEU B 4 0.72 -16.50 11.18
N VAL B 5 0.03 -17.25 12.03
CA VAL B 5 0.05 -18.70 11.96
C VAL B 5 -1.35 -19.17 11.60
N GLU B 6 -1.47 -20.43 11.17
CA GLU B 6 -2.75 -20.98 10.74
C GLU B 6 -2.76 -22.47 10.96
N SER B 7 -3.95 -23.07 10.85
CA SER B 7 -4.11 -24.51 11.02
C SER B 7 -5.25 -24.99 10.14
N GLY B 8 -5.32 -26.30 9.96
CA GLY B 8 -6.44 -26.90 9.28
C GLY B 8 -6.13 -27.63 7.98
N GLY B 9 -4.94 -28.23 7.87
CA GLY B 9 -4.65 -29.08 6.73
C GLY B 9 -5.52 -30.32 6.72
N GLY B 10 -5.82 -30.81 5.52
CA GLY B 10 -6.78 -31.89 5.41
C GLY B 10 -6.52 -32.83 4.27
N VAL B 11 -7.12 -34.01 4.38
CA VAL B 11 -7.22 -34.99 3.30
C VAL B 11 -8.69 -35.23 3.03
N VAL B 12 -9.14 -34.88 1.83
CA VAL B 12 -10.55 -34.63 1.55
C VAL B 12 -11.01 -35.54 0.41
N GLN B 13 -12.15 -36.18 0.63
CA GLN B 13 -12.76 -37.14 -0.27
C GLN B 13 -13.76 -36.44 -1.17
N PRO B 14 -14.30 -37.11 -2.19
CA PRO B 14 -15.38 -36.49 -2.98
C PRO B 14 -16.66 -36.26 -2.18
N GLY B 15 -16.99 -34.99 -1.96
CA GLY B 15 -18.23 -34.58 -1.32
C GLY B 15 -18.07 -33.70 -0.11
N ARG B 16 -16.86 -33.60 0.46
CA ARG B 16 -16.65 -33.14 1.83
C ARG B 16 -16.64 -31.61 1.89
N SER B 17 -16.83 -31.09 3.11
CA SER B 17 -16.73 -29.68 3.43
C SER B 17 -15.76 -29.51 4.59
N LEU B 18 -15.14 -28.33 4.66
CA LEU B 18 -14.00 -28.13 5.54
C LEU B 18 -13.96 -26.69 6.05
N ARG B 19 -13.32 -26.51 7.21
CA ARG B 19 -13.11 -25.21 7.84
C ARG B 19 -11.61 -24.96 8.00
N LEU B 20 -11.20 -23.71 7.79
CA LEU B 20 -9.82 -23.27 8.01
C LEU B 20 -9.78 -22.25 9.14
N SER B 21 -8.64 -22.18 9.84
CA SER B 21 -8.45 -21.26 10.96
C SER B 21 -7.07 -20.65 10.91
N CYS B 22 -7.00 -19.32 10.87
CA CYS B 22 -5.74 -18.58 10.84
C CYS B 22 -5.68 -17.62 12.02
N ALA B 23 -4.78 -17.89 12.96
CA ALA B 23 -4.59 -16.99 14.09
C ALA B 23 -3.76 -15.78 13.68
N ALA B 24 -3.73 -14.78 14.57
CA ALA B 24 -2.95 -13.57 14.37
C ALA B 24 -2.20 -13.25 15.66
N SER B 25 -0.99 -12.70 15.50
CA SER B 25 -0.15 -12.43 16.67
C SER B 25 0.67 -11.18 16.45
N GLY B 26 0.55 -10.23 17.39
CA GLY B 26 1.47 -9.12 17.52
C GLY B 26 0.86 -7.75 17.30
N PHE B 27 -0.01 -7.60 16.30
CA PHE B 27 -0.47 -6.29 15.90
C PHE B 27 -1.95 -6.12 16.26
N THR B 28 -2.47 -4.93 15.94
CA THR B 28 -3.87 -4.59 16.19
C THR B 28 -4.74 -5.36 15.22
N PHE B 29 -5.34 -6.44 15.70
CA PHE B 29 -6.13 -7.33 14.87
C PHE B 29 -7.51 -6.78 14.54
N SER B 30 -8.03 -5.86 15.36
CA SER B 30 -9.43 -5.48 15.24
C SER B 30 -9.68 -4.40 14.20
N SER B 31 -8.65 -3.83 13.61
CA SER B 31 -8.81 -2.70 12.70
C SER B 31 -8.61 -3.05 11.24
N ILE B 32 -7.58 -3.83 10.91
CA ILE B 32 -7.16 -4.01 9.52
C ILE B 32 -7.99 -5.13 8.91
N ALA B 33 -8.24 -5.04 7.59
CA ALA B 33 -8.95 -6.09 6.90
C ALA B 33 -8.06 -7.32 6.72
N MET B 34 -8.66 -8.40 6.23
CA MET B 34 -7.94 -9.65 6.05
C MET B 34 -8.29 -10.26 4.70
N HIS B 35 -7.28 -10.83 4.05
CA HIS B 35 -7.43 -11.41 2.73
C HIS B 35 -7.10 -12.90 2.79
N TRP B 36 -7.69 -13.66 1.89
CA TRP B 36 -7.35 -15.06 1.68
C TRP B 36 -6.96 -15.26 0.22
N VAL B 37 -5.79 -15.87 0.00
CA VAL B 37 -5.34 -16.23 -1.34
C VAL B 37 -4.84 -17.66 -1.34
N ARG B 38 -4.94 -18.30 -2.51
CA ARG B 38 -4.55 -19.68 -2.68
C ARG B 38 -3.70 -19.82 -3.93
N GLN B 39 -3.04 -20.98 -4.04
CA GLN B 39 -2.09 -21.21 -5.12
C GLN B 39 -2.06 -22.71 -5.38
N ALA B 40 -2.63 -23.12 -6.50
CA ALA B 40 -2.53 -24.52 -6.90
C ALA B 40 -1.08 -24.82 -7.30
N PRO B 41 -0.55 -25.98 -6.92
CA PRO B 41 0.86 -26.30 -7.24
C PRO B 41 1.04 -26.54 -8.72
N GLY B 42 1.85 -25.70 -9.35
CA GLY B 42 2.04 -25.78 -10.78
C GLY B 42 1.66 -24.47 -11.46
N LYS B 43 0.86 -23.66 -10.79
CA LYS B 43 0.46 -22.37 -11.30
C LYS B 43 0.69 -21.30 -10.24
N GLY B 44 0.21 -20.09 -10.52
CA GLY B 44 0.43 -18.95 -9.67
C GLY B 44 -0.62 -18.80 -8.59
N LEU B 45 -0.69 -17.57 -8.04
CA LEU B 45 -1.65 -17.27 -6.99
C LEU B 45 -3.04 -17.04 -7.57
N GLU B 46 -4.01 -16.92 -6.66
CA GLU B 46 -5.40 -16.72 -7.02
C GLU B 46 -6.11 -16.17 -5.80
N TRP B 47 -6.80 -15.04 -5.98
CA TRP B 47 -7.48 -14.42 -4.85
C TRP B 47 -8.76 -15.17 -4.51
N VAL B 48 -9.03 -15.31 -3.22
CA VAL B 48 -10.17 -16.09 -2.72
C VAL B 48 -11.21 -15.20 -2.04
N ALA B 49 -10.84 -14.51 -0.96
CA ALA B 49 -11.83 -13.85 -0.13
C ALA B 49 -11.22 -12.68 0.61
N VAL B 50 -12.10 -11.78 1.07
CA VAL B 50 -11.71 -10.64 1.88
C VAL B 50 -12.87 -10.31 2.81
N MET B 51 -12.56 -9.79 3.99
CA MET B 51 -13.55 -9.38 4.96
C MET B 51 -13.09 -8.08 5.62
N SER B 52 -14.02 -7.15 5.82
CA SER B 52 -13.71 -5.79 6.21
C SER B 52 -13.35 -5.67 7.69
N PHE B 53 -13.34 -4.42 8.17
CA PHE B 53 -12.97 -4.10 9.55
C PHE B 53 -13.86 -4.80 10.57
N ASP B 54 -15.17 -4.78 10.34
CA ASP B 54 -16.13 -5.36 11.29
C ASP B 54 -16.69 -6.70 10.84
N GLY B 55 -16.71 -6.97 9.54
CA GLY B 55 -17.31 -8.17 9.02
C GLY B 55 -18.57 -7.96 8.23
N SER B 56 -18.99 -6.71 8.04
CA SER B 56 -20.22 -6.43 7.33
C SER B 56 -20.09 -6.57 5.82
N ILE B 57 -18.89 -6.40 5.27
CA ILE B 57 -18.68 -6.40 3.83
C ILE B 57 -17.69 -7.49 3.48
N LYS B 58 -18.09 -8.39 2.57
CA LYS B 58 -17.25 -9.48 2.11
C LYS B 58 -17.40 -9.62 0.60
N TYR B 59 -16.35 -10.14 -0.04
CA TYR B 59 -16.31 -10.30 -1.48
C TYR B 59 -15.73 -11.67 -1.82
N TYR B 60 -16.02 -12.14 -3.03
CA TYR B 60 -15.66 -13.49 -3.43
C TYR B 60 -15.33 -13.55 -4.91
N GLY B 61 -14.32 -14.36 -5.26
CA GLY B 61 -13.95 -14.57 -6.64
C GLY B 61 -14.89 -15.54 -7.33
N ASP B 62 -14.69 -15.68 -8.65
CA ASP B 62 -15.60 -16.50 -9.44
C ASP B 62 -15.41 -17.99 -9.18
N SER B 63 -14.19 -18.41 -8.88
CA SER B 63 -13.92 -19.84 -8.68
C SER B 63 -14.32 -20.33 -7.31
N VAL B 64 -14.78 -19.45 -6.42
CA VAL B 64 -15.02 -19.82 -5.03
C VAL B 64 -16.42 -19.39 -4.61
N LYS B 65 -17.15 -18.73 -5.51
CA LYS B 65 -18.45 -18.17 -5.17
C LYS B 65 -19.49 -19.27 -5.06
N GLY B 66 -20.31 -19.21 -4.01
CA GLY B 66 -21.40 -20.14 -3.80
C GLY B 66 -21.05 -21.32 -2.92
N ARG B 67 -19.77 -21.57 -2.68
CA ARG B 67 -19.33 -22.68 -1.86
C ARG B 67 -18.54 -22.23 -0.64
N PHE B 68 -18.35 -20.93 -0.45
CA PHE B 68 -17.39 -20.41 0.52
C PHE B 68 -18.08 -19.46 1.48
N THR B 69 -17.69 -19.50 2.75
CA THR B 69 -18.15 -18.54 3.74
C THR B 69 -16.97 -18.15 4.62
N ILE B 70 -17.13 -17.04 5.34
CA ILE B 70 -16.04 -16.44 6.11
C ILE B 70 -16.60 -15.85 7.40
N SER B 71 -15.71 -15.74 8.39
CA SER B 71 -16.03 -15.18 9.71
C SER B 71 -14.72 -14.90 10.43
N ARG B 72 -14.76 -13.92 11.34
CA ARG B 72 -13.61 -13.57 12.15
C ARG B 72 -14.04 -13.28 13.58
N ASP B 73 -13.07 -13.34 14.49
CA ASP B 73 -13.29 -13.08 15.91
C ASP B 73 -12.14 -12.24 16.44
N ASN B 74 -12.46 -11.05 16.96
CA ASN B 74 -11.43 -10.23 17.59
C ASN B 74 -11.13 -10.67 19.01
N SER B 75 -11.98 -11.52 19.59
CA SER B 75 -11.77 -11.98 20.96
C SER B 75 -10.60 -12.94 21.06
N LYS B 76 -10.69 -14.09 20.37
CA LYS B 76 -9.63 -15.09 20.42
C LYS B 76 -8.49 -14.81 19.45
N SER B 77 -8.52 -13.66 18.76
CA SER B 77 -7.55 -13.25 17.74
C SER B 77 -7.41 -14.29 16.63
N THR B 78 -8.56 -14.70 16.08
CA THR B 78 -8.61 -15.74 15.06
C THR B 78 -9.30 -15.24 13.81
N LEU B 79 -9.05 -15.94 12.71
CA LEU B 79 -9.73 -15.74 11.44
C LEU B 79 -10.16 -17.11 10.90
N TYR B 80 -11.40 -17.21 10.47
CA TYR B 80 -11.95 -18.49 10.03
C TYR B 80 -12.22 -18.48 8.53
N LEU B 81 -12.33 -19.69 7.97
CA LEU B 81 -12.73 -19.86 6.58
C LEU B 81 -13.32 -21.25 6.44
N GLN B 82 -14.65 -21.35 6.44
CA GLN B 82 -15.33 -22.62 6.21
C GLN B 82 -15.60 -22.73 4.71
N MET B 83 -15.63 -23.96 4.20
CA MET B 83 -15.67 -24.19 2.77
C MET B 83 -16.57 -25.38 2.47
N ASN B 84 -17.57 -25.18 1.61
CA ASN B 84 -18.57 -26.19 1.30
C ASN B 84 -18.23 -26.89 -0.01
N SER B 85 -18.58 -28.18 -0.08
CA SER B 85 -18.66 -29.01 -1.29
C SER B 85 -17.40 -28.92 -2.15
N LEU B 86 -16.31 -29.43 -1.58
CA LEU B 86 -14.99 -29.30 -2.17
C LEU B 86 -14.88 -30.16 -3.43
N ARG B 87 -14.66 -29.51 -4.57
CA ARG B 87 -14.61 -30.18 -5.86
C ARG B 87 -13.20 -30.69 -6.15
N ALA B 88 -13.01 -31.27 -7.33
CA ALA B 88 -11.83 -32.05 -7.67
C ALA B 88 -10.68 -31.22 -8.22
N GLU B 89 -10.62 -29.92 -7.91
CA GLU B 89 -9.59 -29.05 -8.45
C GLU B 89 -8.90 -28.18 -7.41
N ASP B 90 -9.40 -28.11 -6.18
CA ASP B 90 -9.01 -27.09 -5.23
C ASP B 90 -7.92 -27.54 -4.27
N THR B 91 -7.05 -28.46 -4.67
CA THR B 91 -5.90 -28.81 -3.87
C THR B 91 -4.83 -27.73 -4.01
N ALA B 92 -4.55 -27.03 -2.91
CA ALA B 92 -3.70 -25.84 -2.94
C ALA B 92 -3.27 -25.51 -1.53
N VAL B 93 -2.26 -24.66 -1.42
CA VAL B 93 -1.89 -24.04 -0.16
C VAL B 93 -2.69 -22.76 -0.03
N TYR B 94 -3.08 -22.39 1.19
CA TYR B 94 -4.04 -21.31 1.42
C TYR B 94 -3.43 -20.30 2.38
N TYR B 95 -3.10 -19.11 1.88
CA TYR B 95 -2.46 -18.07 2.67
C TYR B 95 -3.49 -17.12 3.25
N CYS B 96 -3.29 -16.73 4.51
CA CYS B 96 -4.04 -15.65 5.13
C CYS B 96 -3.14 -14.42 5.20
N ALA B 97 -3.49 -13.38 4.44
CA ALA B 97 -2.63 -12.22 4.24
C ALA B 97 -3.29 -10.97 4.80
N ARG B 98 -2.52 -10.19 5.55
CA ARG B 98 -3.02 -8.94 6.12
C ARG B 98 -3.24 -7.90 5.04
N GLY B 99 -4.42 -7.30 5.04
CA GLY B 99 -4.76 -6.25 4.09
C GLY B 99 -4.34 -4.89 4.58
N VAL B 100 -5.17 -3.89 4.26
CA VAL B 100 -4.90 -2.50 4.63
C VAL B 100 -6.15 -1.98 5.34
N GLN B 101 -6.00 -0.94 6.15
CA GLN B 101 -7.12 -0.36 6.89
C GLN B 101 -8.11 0.29 5.95
N GLY B 102 -9.40 0.03 6.19
CA GLY B 102 -10.44 0.65 5.41
C GLY B 102 -10.55 2.14 5.67
N TYR B 103 -11.27 2.82 4.78
CA TYR B 103 -11.37 4.27 4.82
C TYR B 103 -12.81 4.70 4.60
N TYR B 104 -13.10 5.94 4.99
CA TYR B 104 -14.42 6.53 4.85
C TYR B 104 -14.46 7.43 3.63
N ASP B 105 -15.44 7.21 2.76
CA ASP B 105 -15.59 7.98 1.54
C ASP B 105 -16.42 9.22 1.86
N ARG B 106 -16.66 10.08 0.87
CA ARG B 106 -17.56 11.21 1.06
C ARG B 106 -18.99 10.72 1.22
N SER B 107 -19.81 11.55 1.87
CA SER B 107 -21.21 11.31 2.25
C SER B 107 -21.37 10.10 3.16
N GLY B 108 -20.34 9.67 3.87
CA GLY B 108 -20.47 8.65 4.89
C GLY B 108 -20.73 7.24 4.40
N TYR B 109 -19.92 6.76 3.48
CA TYR B 109 -20.04 5.40 2.96
C TYR B 109 -18.76 4.64 3.22
N TYR B 110 -18.80 3.73 4.20
CA TYR B 110 -17.64 2.90 4.50
C TYR B 110 -17.45 1.85 3.41
N ASN B 111 -16.22 1.71 2.93
CA ASN B 111 -15.89 0.72 1.93
C ASN B 111 -14.42 0.38 2.05
N LEU B 112 -14.03 -0.75 1.46
CA LEU B 112 -12.65 -1.21 1.55
C LEU B 112 -11.74 -0.35 0.69
N ASP B 113 -10.48 -0.27 1.08
CA ASP B 113 -9.50 0.37 0.23
C ASP B 113 -9.09 -0.60 -0.88
N TYR B 114 -9.40 -0.22 -2.12
CA TYR B 114 -9.21 -1.10 -3.26
C TYR B 114 -7.88 -0.93 -3.95
N ASN B 115 -7.10 0.07 -3.59
CA ASN B 115 -5.85 0.33 -4.31
C ASN B 115 -4.74 -0.60 -3.87
N TYR B 116 -4.62 -0.84 -2.57
CA TYR B 116 -3.40 -1.34 -1.94
C TYR B 116 -3.16 -2.82 -2.21
N GLY B 117 -2.12 -3.36 -1.56
CA GLY B 117 -1.79 -4.77 -1.64
C GLY B 117 -1.58 -5.35 -0.25
N MET B 118 -1.32 -6.65 -0.21
CA MET B 118 -1.20 -7.39 1.04
C MET B 118 0.22 -7.33 1.59
N ASP B 119 0.36 -6.83 2.82
CA ASP B 119 1.68 -6.50 3.33
C ASP B 119 2.42 -7.72 3.87
N VAL B 120 1.89 -8.35 4.92
CA VAL B 120 2.60 -9.43 5.62
C VAL B 120 1.76 -10.70 5.53
N TRP B 121 2.43 -11.82 5.24
CA TRP B 121 1.78 -13.07 4.92
C TRP B 121 2.19 -14.14 5.93
N GLY B 122 1.33 -15.13 6.10
CA GLY B 122 1.56 -16.18 7.07
C GLY B 122 2.47 -17.28 6.53
N GLN B 123 2.02 -18.51 6.70
CA GLN B 123 2.74 -19.67 6.17
C GLN B 123 1.92 -20.45 5.17
N GLY B 124 0.62 -20.58 5.39
CA GLY B 124 -0.25 -21.33 4.52
C GLY B 124 -0.28 -22.82 4.83
N THR B 125 -1.47 -23.41 4.77
CA THR B 125 -1.62 -24.85 4.90
C THR B 125 -2.35 -25.39 3.67
N THR B 126 -2.23 -26.70 3.46
CA THR B 126 -2.59 -27.33 2.20
C THR B 126 -3.80 -28.24 2.39
N VAL B 127 -4.93 -27.82 1.87
CA VAL B 127 -6.06 -28.74 1.74
C VAL B 127 -5.78 -29.60 0.51
N THR B 128 -6.24 -30.86 0.54
CA THR B 128 -5.95 -31.83 -0.51
C THR B 128 -7.21 -32.60 -0.85
N VAL B 129 -7.93 -32.16 -1.88
CA VAL B 129 -8.98 -33.01 -2.42
C VAL B 129 -8.32 -34.18 -3.15
N SER B 130 -9.01 -35.30 -3.17
CA SER B 130 -8.39 -36.58 -3.51
C SER B 130 -9.46 -37.55 -3.99
N SER B 131 -9.14 -38.82 -3.97
CA SER B 131 -10.13 -39.87 -4.03
C SER B 131 -9.62 -40.97 -3.13
N CYS C 4 -14.43 27.38 8.44
CA CYS C 4 -14.06 28.77 8.16
C CYS C 4 -12.54 29.08 8.05
N PRO C 5 -11.70 28.82 9.08
CA PRO C 5 -10.35 29.40 9.05
C PRO C 5 -9.37 28.69 8.15
N PHE C 6 -9.72 27.53 7.59
CA PHE C 6 -8.80 26.77 6.75
C PHE C 6 -9.10 26.91 5.26
N ASP C 7 -9.51 28.09 4.84
CA ASP C 7 -9.50 28.43 3.43
C ASP C 7 -8.17 29.04 3.01
N GLU C 8 -7.31 29.39 3.97
CA GLU C 8 -5.97 29.86 3.65
C GLU C 8 -4.99 28.72 3.43
N VAL C 9 -5.34 27.50 3.84
CA VAL C 9 -4.46 26.36 3.68
C VAL C 9 -4.58 25.69 2.32
N PHE C 10 -5.52 26.15 1.50
CA PHE C 10 -5.72 25.50 0.21
C PHE C 10 -5.18 26.32 -0.96
N ASN C 11 -5.12 27.63 -0.80
CA ASN C 11 -4.66 28.49 -1.89
C ASN C 11 -3.27 29.07 -1.64
N ALA C 12 -2.56 28.51 -0.66
CA ALA C 12 -1.20 28.97 -0.37
C ALA C 12 -0.29 28.98 -1.59
N THR C 13 0.31 30.12 -1.87
CA THR C 13 1.18 30.24 -3.04
C THR C 13 2.35 29.26 -2.97
N ARG C 14 2.95 29.11 -1.80
CA ARG C 14 4.04 28.17 -1.60
C ARG C 14 3.74 27.31 -0.38
N PHE C 15 3.64 26.00 -0.60
CA PHE C 15 3.68 25.04 0.50
C PHE C 15 5.12 24.80 0.90
N ALA C 16 5.35 23.80 1.74
CA ALA C 16 6.68 23.42 2.15
C ALA C 16 6.94 21.98 1.80
N SER C 17 8.22 21.60 1.88
CA SER C 17 8.64 20.23 1.63
C SER C 17 8.24 19.33 2.79
N VAL C 18 8.40 18.02 2.59
CA VAL C 18 7.92 17.08 3.60
C VAL C 18 8.88 16.93 4.76
N TYR C 19 10.13 17.38 4.64
CA TYR C 19 11.02 17.26 5.78
C TYR C 19 10.83 18.39 6.78
N ALA C 20 10.10 19.44 6.43
CA ALA C 20 9.69 20.45 7.41
C ALA C 20 8.34 21.01 6.94
N TRP C 21 7.26 20.43 7.43
CA TRP C 21 5.92 20.91 7.10
C TRP C 21 5.49 21.93 8.14
N ASN C 22 4.21 22.32 8.11
CA ASN C 22 3.72 23.44 8.92
C ASN C 22 2.34 23.15 9.49
N ARG C 23 2.29 22.95 10.81
CA ARG C 23 1.03 22.75 11.52
C ARG C 23 0.38 24.10 11.82
N LYS C 24 -0.82 24.05 12.38
CA LYS C 24 -1.55 25.26 12.78
C LYS C 24 -2.54 24.88 13.89
N ARG C 25 -2.27 25.33 15.12
CA ARG C 25 -3.26 25.21 16.18
C ARG C 25 -4.46 26.09 15.89
N ILE C 26 -5.60 25.46 15.63
CA ILE C 26 -6.84 26.16 15.34
C ILE C 26 -7.68 26.13 16.61
N SER C 27 -7.92 27.32 17.18
CA SER C 27 -8.40 27.45 18.55
C SER C 27 -9.72 28.21 18.61
N ASN C 28 -10.70 27.59 19.28
CA ASN C 28 -12.03 28.12 19.68
C ASN C 28 -12.72 28.93 18.59
N CYS C 29 -12.84 28.31 17.42
CA CYS C 29 -13.47 28.98 16.30
C CYS C 29 -14.47 28.02 15.65
N VAL C 30 -15.24 28.56 14.71
CA VAL C 30 -16.20 27.76 13.97
C VAL C 30 -15.52 27.07 12.80
N ALA C 31 -15.72 25.75 12.70
CA ALA C 31 -15.30 24.97 11.55
C ALA C 31 -16.56 24.42 10.90
N ASP C 32 -16.75 24.76 9.62
CA ASP C 32 -18.02 24.45 8.96
C ASP C 32 -18.12 22.97 8.62
N TYR C 33 -17.04 22.38 8.10
CA TYR C 33 -16.84 20.98 7.73
C TYR C 33 -17.69 20.52 6.54
N SER C 34 -18.56 21.38 6.00
CA SER C 34 -19.27 21.09 4.78
C SER C 34 -18.56 21.68 3.57
N VAL C 35 -17.41 22.33 3.75
CA VAL C 35 -16.58 22.71 2.63
C VAL C 35 -15.56 21.60 2.36
N LEU C 36 -15.50 20.61 3.25
CA LEU C 36 -14.61 19.47 3.04
C LEU C 36 -15.25 18.41 2.17
N TYR C 37 -16.45 17.96 2.52
CA TYR C 37 -17.20 17.07 1.65
C TYR C 37 -18.17 17.92 0.82
N ASN C 38 -18.40 17.49 -0.43
CA ASN C 38 -18.95 18.24 -1.57
C ASN C 38 -18.02 19.39 -1.94
N LEU C 39 -16.70 19.16 -1.96
CA LEU C 39 -15.75 20.24 -2.24
C LEU C 39 -15.49 20.37 -3.73
N ALA C 40 -15.21 19.25 -4.40
CA ALA C 40 -14.78 19.19 -5.80
C ALA C 40 -14.74 17.73 -6.21
N PRO C 41 -14.98 17.42 -7.48
CA PRO C 41 -14.90 16.01 -7.89
C PRO C 41 -13.48 15.49 -8.01
N PHE C 42 -12.52 16.34 -8.38
CA PHE C 42 -11.19 15.86 -8.71
C PHE C 42 -10.30 15.78 -7.47
N PHE C 43 -10.83 16.10 -6.30
CA PHE C 43 -10.10 15.89 -5.07
C PHE C 43 -10.27 14.45 -4.58
N THR C 44 -9.34 14.02 -3.73
CA THR C 44 -9.39 12.70 -3.12
C THR C 44 -9.55 12.84 -1.61
N PHE C 45 -10.54 12.16 -1.04
CA PHE C 45 -10.97 12.43 0.33
C PHE C 45 -11.00 11.18 1.20
N LYS C 46 -9.90 10.42 1.24
CA LYS C 46 -9.78 9.30 2.17
C LYS C 46 -9.84 9.78 3.62
N CYS C 47 -10.64 9.10 4.43
CA CYS C 47 -10.81 9.47 5.84
C CYS C 47 -10.76 8.21 6.69
N TYR C 48 -9.92 8.22 7.71
CA TYR C 48 -9.66 7.02 8.51
C TYR C 48 -10.26 7.06 9.90
N GLY C 49 -10.16 8.20 10.60
CA GLY C 49 -10.57 8.27 11.98
C GLY C 49 -12.07 8.18 12.21
N VAL C 50 -12.82 9.19 11.78
CA VAL C 50 -14.26 9.21 11.91
C VAL C 50 -14.88 9.70 10.62
N SER C 51 -16.12 9.29 10.37
CA SER C 51 -16.79 9.61 9.13
C SER C 51 -17.31 11.05 9.15
N PRO C 52 -17.38 11.70 7.99
CA PRO C 52 -18.12 12.96 7.89
C PRO C 52 -19.62 12.71 8.01
N THR C 53 -20.36 13.83 8.10
CA THR C 53 -21.77 13.90 8.51
C THR C 53 -22.02 13.23 9.86
N LYS C 54 -21.01 13.28 10.74
CA LYS C 54 -21.12 12.82 12.11
C LYS C 54 -20.47 13.81 13.08
N LEU C 55 -19.56 14.65 12.59
CA LEU C 55 -18.67 15.44 13.42
C LEU C 55 -19.32 16.73 13.92
N ASN C 56 -20.51 16.60 14.52
CA ASN C 56 -21.20 17.72 15.15
C ASN C 56 -20.77 17.94 16.59
N ASP C 57 -19.75 17.23 17.06
CA ASP C 57 -19.30 17.31 18.43
C ASP C 57 -18.44 18.56 18.65
N LEU C 58 -18.10 18.81 19.92
CA LEU C 58 -17.27 19.94 20.31
C LEU C 58 -15.80 19.55 20.15
N CYS C 59 -15.40 19.34 18.89
CA CYS C 59 -14.13 18.73 18.57
C CYS C 59 -12.97 19.72 18.54
N PHE C 60 -13.25 21.01 18.37
CA PHE C 60 -12.24 22.02 18.00
C PHE C 60 -11.26 22.34 19.14
N THR C 61 -10.49 21.32 19.52
CA THR C 61 -9.45 21.42 20.54
C THR C 61 -8.11 21.19 19.85
N ASN C 62 -7.54 22.27 19.30
CA ASN C 62 -6.23 22.30 18.63
C ASN C 62 -6.16 21.34 17.45
N VAL C 63 -7.04 21.54 16.47
CA VAL C 63 -6.99 20.73 15.24
C VAL C 63 -5.82 21.20 14.39
N TYR C 64 -4.88 20.30 14.12
CA TYR C 64 -3.72 20.60 13.30
C TYR C 64 -3.99 20.16 11.87
N ALA C 65 -3.64 21.01 10.91
CA ALA C 65 -3.80 20.70 9.49
C ALA C 65 -2.41 20.67 8.87
N ASP C 66 -1.84 19.47 8.75
CA ASP C 66 -0.57 19.30 8.08
C ASP C 66 -0.75 19.54 6.59
N SER C 67 0.37 19.87 5.92
CA SER C 67 0.35 20.13 4.49
C SER C 67 1.75 19.99 3.94
N PHE C 68 1.87 19.34 2.78
CA PHE C 68 3.15 19.16 2.09
C PHE C 68 2.86 18.79 0.64
N VAL C 69 3.91 18.36 -0.06
CA VAL C 69 3.84 18.06 -1.49
C VAL C 69 4.70 16.84 -1.80
N ILE C 70 4.12 15.88 -2.53
CA ILE C 70 4.76 14.61 -2.87
C ILE C 70 4.33 14.19 -4.28
N ARG C 71 4.93 13.10 -4.75
CA ARG C 71 4.59 12.52 -6.05
C ARG C 71 3.22 11.86 -6.01
N GLY C 72 2.67 11.61 -7.21
CA GLY C 72 1.33 11.06 -7.30
C GLY C 72 1.35 9.59 -6.92
N ASP C 73 2.38 8.85 -7.33
CA ASP C 73 2.55 7.48 -6.87
C ASP C 73 2.91 7.34 -5.38
N GLU C 74 3.31 8.44 -4.75
CA GLU C 74 3.63 8.47 -3.35
C GLU C 74 2.57 9.00 -2.39
N VAL C 75 1.38 9.31 -2.91
CA VAL C 75 0.29 9.79 -2.05
C VAL C 75 -0.22 8.66 -1.17
N ARG C 76 -0.33 7.45 -1.71
CA ARG C 76 -0.85 6.32 -0.96
C ARG C 76 0.21 5.64 -0.14
N GLN C 77 1.29 6.35 0.21
CA GLN C 77 2.16 5.94 1.28
C GLN C 77 1.80 6.62 2.60
N ILE C 78 1.02 7.71 2.56
CA ILE C 78 0.79 8.54 3.73
C ILE C 78 -0.20 7.93 4.72
N ALA C 79 -0.86 6.83 4.36
CA ALA C 79 -1.84 6.09 5.15
C ALA C 79 -1.23 5.51 6.43
N PRO C 80 -2.04 5.05 7.40
CA PRO C 80 -1.46 4.35 8.56
C PRO C 80 -0.71 3.09 8.18
N GLY C 81 0.41 2.87 8.85
CA GLY C 81 1.33 1.84 8.41
C GLY C 81 2.05 2.32 7.17
N GLN C 82 2.14 1.44 6.17
CA GLN C 82 2.61 1.75 4.81
C GLN C 82 4.00 2.37 4.83
N THR C 83 4.99 1.59 5.28
CA THR C 83 6.35 2.07 5.43
C THR C 83 7.01 2.29 4.08
N GLY C 84 8.16 2.95 4.10
CA GLY C 84 8.89 3.17 2.87
C GLY C 84 9.90 4.27 3.07
N ASN C 85 10.01 5.14 2.06
CA ASN C 85 11.05 6.15 2.07
C ASN C 85 10.57 7.48 2.63
N ILE C 86 9.30 7.82 2.41
CA ILE C 86 8.77 9.10 2.86
C ILE C 86 7.86 8.96 4.06
N ALA C 87 7.54 7.74 4.47
CA ALA C 87 6.69 7.52 5.63
C ALA C 87 7.45 6.93 6.81
N ASP C 88 8.75 6.74 6.68
CA ASP C 88 9.57 6.30 7.80
C ASP C 88 10.67 7.29 8.15
N TYR C 89 11.09 8.13 7.22
CA TYR C 89 12.14 9.11 7.50
C TYR C 89 11.68 10.55 7.43
N ASN C 90 10.51 10.84 6.87
CA ASN C 90 10.07 12.22 6.71
C ASN C 90 8.84 12.53 7.55
N TYR C 91 7.76 11.77 7.38
CA TYR C 91 6.48 12.11 7.99
C TYR C 91 5.68 10.84 8.12
N LYS C 92 5.39 10.44 9.35
CA LYS C 92 4.82 9.13 9.65
C LYS C 92 3.45 9.29 10.32
N LEU C 93 2.49 8.45 9.89
CA LEU C 93 1.20 8.43 10.57
C LEU C 93 1.11 7.26 11.53
N PRO C 94 0.46 7.42 12.67
CA PRO C 94 0.24 6.30 13.57
C PRO C 94 -0.97 5.48 13.15
N ASP C 95 -1.21 4.40 13.89
CA ASP C 95 -2.40 3.57 13.69
C ASP C 95 -3.53 4.07 14.59
N ASP C 96 -3.93 5.31 14.37
CA ASP C 96 -4.66 6.06 15.39
C ASP C 96 -5.60 7.05 14.71
N PHE C 97 -5.97 8.10 15.46
CA PHE C 97 -7.13 8.95 15.19
C PHE C 97 -6.84 10.06 14.19
N THR C 98 -5.93 9.82 13.24
CA THR C 98 -5.82 10.68 12.07
C THR C 98 -7.15 10.77 11.33
N GLY C 99 -7.66 11.99 11.20
CA GLY C 99 -9.02 12.19 10.74
C GLY C 99 -9.23 11.99 9.26
N CYS C 100 -8.65 12.87 8.44
CA CYS C 100 -8.88 12.84 7.00
C CYS C 100 -7.62 13.29 6.29
N VAL C 101 -7.42 12.72 5.09
CA VAL C 101 -6.31 13.08 4.23
C VAL C 101 -6.84 13.47 2.86
N ILE C 102 -6.46 14.67 2.41
CA ILE C 102 -6.88 15.20 1.12
C ILE C 102 -5.64 15.38 0.26
N ALA C 103 -5.76 15.05 -1.03
CA ALA C 103 -4.64 15.10 -1.97
C ALA C 103 -5.18 15.54 -3.33
N TRP C 104 -4.79 16.74 -3.74
CA TRP C 104 -5.22 17.30 -5.01
C TRP C 104 -4.03 17.64 -5.88
N ASN C 105 -4.28 17.75 -7.19
CA ASN C 105 -3.20 17.79 -8.16
C ASN C 105 -2.68 19.20 -8.36
N SER C 106 -1.36 19.34 -8.31
CA SER C 106 -0.69 20.59 -8.65
C SER C 106 -0.11 20.41 -10.05
N ASN C 107 -0.97 20.63 -11.05
CA ASN C 107 -0.55 20.40 -12.43
C ASN C 107 0.40 21.50 -12.91
N LYS C 108 0.01 22.76 -12.75
CA LYS C 108 0.79 23.87 -13.28
C LYS C 108 1.12 24.91 -12.21
N LEU C 109 1.06 24.53 -10.93
CA LEU C 109 1.43 25.50 -9.90
C LEU C 109 2.94 25.53 -9.65
N ASP C 110 3.62 24.41 -9.85
CA ASP C 110 5.07 24.39 -9.64
C ASP C 110 5.83 23.67 -10.75
N SER C 111 5.18 22.80 -11.51
CA SER C 111 5.86 21.93 -12.46
C SER C 111 6.30 22.74 -13.68
N LYS C 112 7.56 23.21 -13.67
CA LYS C 112 8.14 23.91 -14.80
C LYS C 112 9.33 23.10 -15.31
N VAL C 113 9.89 23.55 -16.44
CA VAL C 113 10.88 22.75 -17.13
C VAL C 113 12.31 22.79 -16.60
N SER C 114 12.68 23.82 -15.85
CA SER C 114 14.02 23.85 -15.26
C SER C 114 14.08 23.28 -13.83
N GLY C 115 12.90 23.02 -13.26
CA GLY C 115 12.82 22.40 -11.95
C GLY C 115 12.67 23.25 -10.71
N ASN C 116 11.55 23.09 -9.98
CA ASN C 116 11.34 23.84 -8.76
C ASN C 116 12.07 23.15 -7.62
N TYR C 117 13.12 23.80 -7.11
CA TYR C 117 14.11 23.15 -6.28
C TYR C 117 13.79 23.16 -4.79
N ASN C 118 12.78 23.91 -4.35
CA ASN C 118 12.56 24.03 -2.92
C ASN C 118 11.76 22.86 -2.34
N TYR C 119 11.36 21.88 -3.15
CA TYR C 119 10.73 20.68 -2.65
C TYR C 119 11.78 19.60 -2.46
N LEU C 120 11.92 19.10 -1.23
CA LEU C 120 12.96 18.16 -0.88
C LEU C 120 12.35 17.04 -0.06
N TYR C 121 13.14 15.98 0.17
CA TYR C 121 12.74 14.92 1.07
C TYR C 121 13.99 14.25 1.62
N ARG C 122 13.99 13.96 2.92
CA ARG C 122 15.16 13.42 3.60
C ARG C 122 15.16 11.91 3.46
N LEU C 123 16.06 11.40 2.62
CA LEU C 123 16.07 9.99 2.27
C LEU C 123 16.96 9.16 3.19
N PHE C 124 17.98 9.77 3.81
CA PHE C 124 18.97 9.06 4.58
C PHE C 124 18.86 9.48 6.05
N ARG C 125 18.22 8.64 6.86
CA ARG C 125 18.05 8.92 8.27
C ARG C 125 18.19 7.64 9.08
N LYS C 126 18.90 7.73 10.19
CA LYS C 126 18.99 6.62 11.14
C LYS C 126 17.76 6.62 12.04
N SER C 127 17.37 5.41 12.47
CA SER C 127 16.34 5.17 13.50
C SER C 127 15.00 5.80 13.13
N ASN C 128 14.35 5.17 12.14
CA ASN C 128 13.13 5.64 11.47
C ASN C 128 12.03 6.10 12.41
N LEU C 129 11.19 7.01 11.92
CA LEU C 129 10.58 8.03 12.76
C LEU C 129 9.50 7.50 13.69
N LYS C 130 9.26 8.25 14.75
CA LYS C 130 8.08 8.16 15.57
C LYS C 130 6.92 8.86 14.86
N PRO C 131 5.67 8.57 15.24
CA PRO C 131 4.54 9.29 14.62
C PRO C 131 4.56 10.78 14.94
N PHE C 132 4.16 11.58 13.93
CA PHE C 132 3.97 13.03 14.03
C PHE C 132 5.24 13.75 14.47
N GLU C 133 6.37 13.36 13.88
CA GLU C 133 7.67 13.88 14.26
C GLU C 133 8.29 14.63 13.09
N ARG C 134 8.87 15.79 13.37
CA ARG C 134 9.51 16.63 12.37
C ARG C 134 11.01 16.67 12.60
N ASP C 135 11.78 16.61 11.52
CA ASP C 135 13.23 16.66 11.57
C ASP C 135 13.72 17.99 11.01
N ILE C 136 14.85 18.47 11.53
CA ILE C 136 15.37 19.75 11.08
C ILE C 136 16.81 19.66 10.57
N SER C 137 17.65 18.90 11.26
CA SER C 137 19.10 19.00 11.11
C SER C 137 19.59 18.47 9.77
N THR C 138 20.63 19.09 9.25
CA THR C 138 21.24 18.71 7.98
C THR C 138 22.70 18.38 8.26
N GLU C 139 22.97 17.15 8.70
CA GLU C 139 24.32 16.68 8.94
C GLU C 139 24.46 15.33 8.24
N ILE C 140 25.59 14.70 8.39
CA ILE C 140 25.86 13.53 7.57
C ILE C 140 25.34 12.28 8.29
N TYR C 141 25.04 11.24 7.51
CA TYR C 141 24.25 10.10 7.97
C TYR C 141 25.05 9.11 8.82
N GLN C 142 26.36 8.97 8.56
CA GLN C 142 27.28 8.06 9.26
C GLN C 142 26.80 6.61 9.16
N ALA C 143 26.83 6.11 7.92
CA ALA C 143 26.26 4.79 7.63
C ALA C 143 27.10 3.66 8.22
N GLY C 144 28.41 3.77 8.15
CA GLY C 144 29.30 2.67 8.45
C GLY C 144 30.48 3.08 9.32
N ASN C 145 31.65 2.96 8.71
CA ASN C 145 32.98 3.24 9.24
C ASN C 145 33.21 4.74 9.39
N LYS C 146 34.46 5.18 9.23
CA LYS C 146 35.19 6.37 9.70
C LYS C 146 34.33 7.61 9.96
N PRO C 147 34.54 8.27 11.10
CA PRO C 147 33.62 9.33 11.52
C PRO C 147 33.78 10.58 10.67
N CYS C 148 32.65 11.16 10.33
CA CYS C 148 32.61 12.39 9.57
C CYS C 148 32.51 13.57 10.53
N ASN C 149 33.58 14.31 10.65
CA ASN C 149 33.55 15.62 11.30
C ASN C 149 32.94 16.70 10.42
N GLY C 150 32.45 16.33 9.23
CA GLY C 150 31.71 17.16 8.29
C GLY C 150 32.54 17.60 7.09
N VAL C 151 32.53 16.77 6.04
CA VAL C 151 33.14 17.09 4.75
C VAL C 151 32.25 16.59 3.63
N ALA C 152 31.31 15.69 3.97
CA ALA C 152 30.50 14.91 3.02
C ALA C 152 31.37 14.14 2.02
N GLY C 153 32.29 13.34 2.55
CA GLY C 153 33.27 12.65 1.74
C GLY C 153 32.89 11.32 1.09
N PHE C 154 32.60 10.30 1.88
CA PHE C 154 32.53 8.94 1.36
C PHE C 154 31.78 8.03 2.33
N ASN C 155 30.92 7.17 1.78
CA ASN C 155 30.04 6.22 2.47
C ASN C 155 29.07 6.89 3.44
N CYS C 156 28.88 8.20 3.33
CA CYS C 156 28.12 9.00 4.27
C CYS C 156 27.55 10.16 3.48
N TYR C 157 26.23 10.22 3.36
CA TYR C 157 25.57 11.07 2.37
C TYR C 157 24.96 12.32 3.02
N PHE C 158 24.78 13.32 2.16
CA PHE C 158 23.94 14.47 2.49
C PHE C 158 22.52 13.98 2.73
N PRO C 159 21.86 14.40 3.82
CA PRO C 159 20.60 13.75 4.20
C PRO C 159 19.42 14.11 3.32
N LEU C 160 19.45 15.26 2.64
CA LEU C 160 18.36 15.63 1.78
C LEU C 160 18.66 15.18 0.35
N ARG C 161 17.71 15.45 -0.56
CA ARG C 161 17.85 15.10 -1.96
C ARG C 161 16.87 15.98 -2.73
N SER C 162 17.23 16.33 -3.96
CA SER C 162 16.41 17.21 -4.79
C SER C 162 15.23 16.42 -5.38
N TYR C 163 14.55 17.04 -6.34
CA TYR C 163 13.25 16.53 -6.74
C TYR C 163 13.08 16.35 -8.25
N SER C 164 13.87 17.04 -9.08
CA SER C 164 13.99 16.82 -10.53
C SER C 164 12.66 16.97 -11.26
N PHE C 165 12.16 18.21 -11.29
CA PHE C 165 10.92 18.54 -11.96
C PHE C 165 11.08 18.69 -13.47
N ARG C 166 9.99 18.39 -14.19
CA ARG C 166 9.84 18.44 -15.64
C ARG C 166 8.37 18.22 -15.96
N PRO C 167 7.79 18.93 -16.93
CA PRO C 167 6.36 18.76 -17.22
C PRO C 167 6.04 17.48 -17.94
N THR C 168 7.00 16.81 -18.57
CA THR C 168 6.75 15.60 -19.35
C THR C 168 6.83 14.34 -18.51
N TYR C 169 6.60 14.43 -17.21
CA TYR C 169 6.60 13.26 -16.35
C TYR C 169 5.27 12.51 -16.46
N GLY C 170 5.20 11.38 -15.77
CA GLY C 170 3.96 10.63 -15.71
C GLY C 170 2.92 11.30 -14.83
N VAL C 171 1.76 10.65 -14.74
CA VAL C 171 0.68 11.17 -13.90
C VAL C 171 1.05 11.02 -12.43
N GLY C 172 1.86 10.02 -12.10
CA GLY C 172 2.24 9.77 -10.72
C GLY C 172 3.49 10.46 -10.26
N HIS C 173 4.14 11.26 -11.09
CA HIS C 173 5.32 12.00 -10.67
C HIS C 173 5.13 13.51 -10.73
N GLN C 174 4.13 14.01 -11.44
CA GLN C 174 3.72 15.38 -11.27
C GLN C 174 3.12 15.51 -9.86
N PRO C 175 3.38 16.63 -9.17
CA PRO C 175 3.14 16.67 -7.73
C PRO C 175 1.66 16.72 -7.38
N TYR C 176 1.32 16.06 -6.29
CA TYR C 176 0.00 16.19 -5.67
C TYR C 176 0.15 16.95 -4.36
N ARG C 177 -0.54 18.08 -4.24
CA ARG C 177 -0.52 18.84 -3.01
C ARG C 177 -1.41 18.13 -1.99
N VAL C 178 -0.82 17.70 -0.88
CA VAL C 178 -1.48 16.85 0.10
C VAL C 178 -1.63 17.62 1.41
N VAL C 179 -2.84 17.59 1.99
CA VAL C 179 -3.05 18.07 3.34
C VAL C 179 -3.57 16.93 4.20
N VAL C 180 -3.31 17.03 5.51
CA VAL C 180 -3.65 15.99 6.48
C VAL C 180 -4.18 16.69 7.72
N LEU C 181 -5.38 16.31 8.17
CA LEU C 181 -5.97 16.89 9.35
C LEU C 181 -5.65 16.04 10.59
N SER C 182 -6.22 16.43 11.73
CA SER C 182 -6.06 15.67 12.97
C SER C 182 -7.23 15.98 13.88
N PHE C 183 -7.63 14.98 14.68
CA PHE C 183 -8.78 15.07 15.57
C PHE C 183 -8.36 14.61 16.95
N GLU C 184 -8.71 15.38 17.98
CA GLU C 184 -8.51 14.95 19.37
C GLU C 184 -9.45 15.73 20.27
N LEU C 185 -9.41 15.43 21.57
CA LEU C 185 -10.26 16.09 22.55
C LEU C 185 -9.50 16.32 23.84
N LEU C 186 -10.18 16.93 24.81
CA LEU C 186 -9.62 17.20 26.14
C LEU C 186 -10.41 16.45 27.21
C1 NAG D . -9.28 28.44 -1.85
C2 NAG D . -10.21 29.39 -2.59
C3 NAG D . -11.61 28.83 -2.55
C4 NAG D . -11.59 27.45 -3.20
C5 NAG D . -10.61 26.57 -2.43
C6 NAG D . -10.55 25.15 -2.99
C7 NAG D . -9.42 31.69 -2.48
C8 NAG D . -9.53 31.97 -3.95
N2 NAG D . -10.19 30.72 -2.01
O3 NAG D . -12.51 29.72 -3.24
O4 NAG D . -12.90 26.86 -3.23
O5 NAG D . -9.31 27.16 -2.47
O6 NAG D . -9.86 24.31 -2.06
O7 NAG D . -8.65 32.32 -1.76
C1 NAG D . -13.40 26.81 -4.59
C2 NAG D . -14.92 26.97 -4.57
C3 NAG D . -15.46 27.02 -5.98
C4 NAG D . -14.75 28.09 -6.79
C5 NAG D . -13.25 27.89 -6.74
C6 NAG D . -12.52 29.04 -7.44
C7 NAG D . -15.83 25.85 -2.59
C8 NAG D . -16.37 24.56 -2.05
N2 NAG D . -15.53 25.86 -3.89
O3 NAG D . -16.87 27.30 -5.94
O4 NAG D . -15.20 28.04 -8.15
O5 NAG D . -12.80 27.83 -5.39
O6 NAG D . -11.11 28.78 -7.43
O7 NAG D . -15.67 26.84 -1.88
#